data_3TDT
#
_entry.id   3TDT
#
_cell.length_a   96.000
_cell.length_b   96.000
_cell.length_c   72.300
_cell.angle_alpha   90.00
_cell.angle_beta   90.00
_cell.angle_gamma   120.00
#
_symmetry.space_group_name_H-M   'H 3'
#
loop_
_entity.id
_entity.type
_entity.pdbx_description
1 polymer 'TETRAHYDRODIPICOLINATE N-SUCCINYLTRANSFERASE'
2 non-polymer 'COENZYME A'
3 non-polymer '2-AMINO-6-OXOPIMELIC ACID'
4 water water
#
_entity_poly.entity_id   1
_entity_poly.type   'polypeptide(L)'
_entity_poly.pdbx_seq_one_letter_code
;MQQLQNVIESAFERRADITPANVDTVTREAVNQVIGLLDSGALRVAEKIDGQWVTHQWLKKAVLLSFRINDNKVMDGAET
RYYDKVPMKFADYDEARFQKEGFRVVPPATVRQGAFIARNTVLMPSYVNIGAYVDEGTMVDTWATVGSCAQIGKNVHLSG
GVGIGGVLEPLQANPTIIEDNCFIGARSEVVEGVIVEEGSVISMGVYLGQSTRIYDRETGEIHYGRVPAGSVVVSGNLPS
KDGSYSLYCAVIVKKVDAKTRGKVGINELLRTID
;
_entity_poly.pdbx_strand_id   A
#
# COMPACT_ATOMS: atom_id res chain seq x y z
N MET A 1 -12.15 -15.28 11.47
CA MET A 1 -12.77 -16.55 11.12
C MET A 1 -11.87 -17.71 11.52
N GLN A 2 -12.17 -18.33 12.64
CA GLN A 2 -11.34 -19.41 13.20
C GLN A 2 -11.11 -20.58 12.27
N GLN A 3 -12.18 -21.05 11.64
CA GLN A 3 -12.05 -22.18 10.73
C GLN A 3 -10.97 -21.91 9.65
N LEU A 4 -10.78 -20.66 9.29
CA LEU A 4 -9.82 -20.35 8.27
C LEU A 4 -8.51 -20.04 8.94
N GLN A 5 -8.55 -19.21 9.98
CA GLN A 5 -7.31 -18.83 10.63
C GLN A 5 -6.50 -20.01 11.10
N ASN A 6 -7.18 -21.02 11.62
CA ASN A 6 -6.51 -22.22 12.14
C ASN A 6 -5.65 -22.93 11.14
N VAL A 7 -6.25 -23.24 9.99
CA VAL A 7 -5.59 -23.93 8.87
C VAL A 7 -4.40 -23.08 8.43
N ILE A 8 -4.63 -21.76 8.29
CA ILE A 8 -3.55 -20.87 7.85
C ILE A 8 -2.33 -20.94 8.78
N GLU A 9 -2.58 -20.85 10.07
CA GLU A 9 -1.50 -20.84 11.04
C GLU A 9 -0.78 -22.15 11.20
N SER A 10 -1.43 -23.25 10.82
CA SER A 10 -0.82 -24.56 10.91
C SER A 10 0.09 -24.68 9.72
N ALA A 11 -0.45 -24.35 8.55
CA ALA A 11 0.32 -24.42 7.29
C ALA A 11 1.58 -23.52 7.27
N PHE A 12 1.44 -22.30 7.75
CA PHE A 12 2.54 -21.37 7.73
C PHE A 12 3.81 -21.92 8.34
N GLU A 13 3.63 -22.73 9.37
CA GLU A 13 4.77 -23.32 10.09
C GLU A 13 5.56 -24.26 9.13
N ARG A 14 4.83 -24.90 8.20
CA ARG A 14 5.44 -25.82 7.20
C ARG A 14 5.71 -25.12 5.85
N ARG A 15 5.65 -23.79 5.85
CA ARG A 15 5.82 -23.01 4.62
C ARG A 15 6.89 -23.50 3.61
N ALA A 16 8.09 -23.72 4.11
CA ALA A 16 9.20 -24.14 3.27
C ALA A 16 9.05 -25.47 2.57
N ASP A 17 8.23 -26.35 3.12
CA ASP A 17 8.04 -27.67 2.55
C ASP A 17 6.78 -27.84 1.75
N ILE A 18 6.04 -26.76 1.61
CA ILE A 18 4.82 -26.82 0.88
C ILE A 18 5.11 -26.42 -0.53
N THR A 19 4.53 -27.13 -1.47
CA THR A 19 4.70 -26.83 -2.87
C THR A 19 3.36 -26.98 -3.49
N PRO A 20 3.20 -26.49 -4.70
CA PRO A 20 1.93 -26.60 -5.35
C PRO A 20 1.50 -28.05 -5.55
N ALA A 21 2.45 -28.98 -5.51
CA ALA A 21 2.09 -30.37 -5.71
C ALA A 21 1.75 -31.12 -4.46
N ASN A 22 2.48 -30.85 -3.40
CA ASN A 22 2.23 -31.59 -2.21
C ASN A 22 1.16 -31.00 -1.29
N VAL A 23 0.75 -29.74 -1.54
CA VAL A 23 -0.25 -29.10 -0.69
C VAL A 23 -1.59 -29.85 -0.72
N ASP A 24 -2.18 -30.10 0.46
CA ASP A 24 -3.50 -30.81 0.60
C ASP A 24 -4.63 -29.86 0.28
N THR A 25 -5.75 -30.38 -0.23
CA THR A 25 -6.87 -29.51 -0.63
C THR A 25 -7.42 -28.59 0.43
N VAL A 26 -7.30 -28.97 1.69
CA VAL A 26 -7.79 -28.11 2.77
C VAL A 26 -7.01 -26.81 2.89
N THR A 27 -5.69 -26.89 2.87
CA THR A 27 -4.89 -25.69 2.97
C THR A 27 -5.10 -24.86 1.71
N ARG A 28 -5.10 -25.52 0.55
CA ARG A 28 -5.30 -24.85 -0.70
C ARG A 28 -6.63 -24.03 -0.70
N GLU A 29 -7.73 -24.69 -0.38
CA GLU A 29 -9.02 -24.06 -0.39
C GLU A 29 -9.10 -22.92 0.60
N ALA A 30 -8.51 -23.12 1.78
CA ALA A 30 -8.53 -22.07 2.79
C ALA A 30 -7.80 -20.82 2.35
N VAL A 31 -6.59 -21.00 1.85
CA VAL A 31 -5.80 -19.86 1.47
C VAL A 31 -6.53 -19.14 0.40
N ASN A 32 -7.04 -19.88 -0.54
CA ASN A 32 -7.81 -19.28 -1.61
C ASN A 32 -9.03 -18.47 -1.12
N GLN A 33 -9.70 -18.99 -0.09
CA GLN A 33 -10.87 -18.32 0.43
C GLN A 33 -10.46 -17.01 1.02
N VAL A 34 -9.37 -17.04 1.78
CA VAL A 34 -8.90 -15.83 2.44
C VAL A 34 -8.51 -14.72 1.39
N ILE A 35 -7.85 -15.14 0.29
CA ILE A 35 -7.49 -14.17 -0.73
C ILE A 35 -8.75 -13.52 -1.37
N GLY A 36 -9.83 -14.27 -1.48
CA GLY A 36 -11.05 -13.72 -2.10
C GLY A 36 -11.66 -12.65 -1.18
N LEU A 37 -11.54 -12.86 0.12
CA LEU A 37 -12.08 -11.95 1.10
C LEU A 37 -11.27 -10.67 1.13
N LEU A 38 -9.96 -10.80 0.94
CA LEU A 38 -9.13 -9.59 0.90
C LEU A 38 -9.47 -8.83 -0.37
N ASP A 39 -9.65 -9.59 -1.45
CA ASP A 39 -9.96 -9.01 -2.71
C ASP A 39 -11.24 -8.11 -2.61
N SER A 40 -12.23 -8.55 -1.84
CA SER A 40 -13.52 -7.86 -1.74
C SER A 40 -13.59 -6.82 -0.63
N GLY A 41 -12.56 -6.72 0.18
CA GLY A 41 -12.59 -5.72 1.24
C GLY A 41 -13.30 -6.22 2.50
N ALA A 42 -13.80 -7.45 2.49
CA ALA A 42 -14.45 -8.02 3.71
C ALA A 42 -13.39 -8.17 4.83
N LEU A 43 -12.17 -8.47 4.44
CA LEU A 43 -11.04 -8.54 5.41
C LEU A 43 -9.92 -7.60 4.91
N ARG A 44 -9.07 -7.15 5.83
CA ARG A 44 -7.96 -6.26 5.50
C ARG A 44 -6.83 -6.57 6.45
N VAL A 45 -5.61 -6.48 5.96
CA VAL A 45 -4.40 -6.84 6.70
C VAL A 45 -4.11 -6.02 7.92
N ALA A 46 -4.48 -4.76 7.87
CA ALA A 46 -4.30 -3.96 9.05
C ALA A 46 -5.51 -3.09 9.16
N GLU A 47 -5.86 -2.78 10.38
CA GLU A 47 -7.00 -1.95 10.61
C GLU A 47 -6.85 -1.13 11.85
N LYS A 48 -7.53 0.00 11.88
CA LYS A 48 -7.35 0.87 13.02
C LYS A 48 -8.41 0.59 14.04
N ILE A 49 -7.96 0.28 15.26
CA ILE A 49 -8.82 0.00 16.38
C ILE A 49 -8.35 0.82 17.55
N ASP A 50 -9.28 1.57 18.12
CA ASP A 50 -8.99 2.43 19.30
C ASP A 50 -7.83 3.39 19.12
N GLY A 51 -7.72 3.96 17.93
CA GLY A 51 -6.66 4.92 17.66
C GLY A 51 -5.32 4.27 17.50
N GLN A 52 -5.34 2.98 17.19
CA GLN A 52 -4.12 2.27 16.94
C GLN A 52 -4.30 1.34 15.72
N TRP A 53 -3.29 1.28 14.86
CA TRP A 53 -3.34 0.40 13.72
C TRP A 53 -2.89 -0.94 14.23
N VAL A 54 -3.66 -1.98 13.95
CA VAL A 54 -3.23 -3.29 14.34
C VAL A 54 -3.04 -4.16 13.10
N THR A 55 -2.03 -4.99 13.14
CA THR A 55 -1.77 -5.87 12.04
C THR A 55 -2.22 -7.28 12.35
N HIS A 56 -3.02 -7.86 11.45
CA HIS A 56 -3.42 -9.25 11.52
C HIS A 56 -2.37 -10.07 10.83
N GLN A 57 -1.39 -10.53 11.59
CA GLN A 57 -0.28 -11.30 11.10
C GLN A 57 -0.72 -12.50 10.34
N TRP A 58 -1.82 -13.09 10.71
CA TRP A 58 -2.21 -14.28 9.95
C TRP A 58 -2.77 -14.03 8.55
N LEU A 59 -3.23 -12.81 8.29
CA LEU A 59 -3.68 -12.48 6.95
C LEU A 59 -2.40 -12.29 6.07
N LYS A 60 -1.35 -11.78 6.69
CA LYS A 60 -0.05 -11.61 6.00
C LYS A 60 0.50 -13.00 5.67
N LYS A 61 0.34 -13.91 6.61
CA LYS A 61 0.74 -15.29 6.42
C LYS A 61 0.01 -15.91 5.25
N ALA A 62 -1.29 -15.68 5.16
CA ALA A 62 -2.04 -16.23 4.04
C ALA A 62 -1.47 -15.69 2.69
N VAL A 63 -1.12 -14.40 2.67
CA VAL A 63 -0.60 -13.79 1.45
C VAL A 63 0.69 -14.51 1.04
N LEU A 64 1.59 -14.66 1.98
CA LEU A 64 2.81 -15.40 1.72
C LEU A 64 2.59 -16.81 1.20
N LEU A 65 1.67 -17.55 1.83
CA LEU A 65 1.39 -18.95 1.45
C LEU A 65 0.83 -19.08 0.09
N SER A 66 0.15 -18.03 -0.37
CA SER A 66 -0.43 -18.15 -1.72
C SER A 66 0.65 -18.41 -2.73
N PHE A 67 1.88 -17.95 -2.44
CA PHE A 67 3.04 -18.15 -3.35
C PHE A 67 3.61 -19.56 -3.28
N ARG A 68 3.21 -20.31 -2.25
CA ARG A 68 3.70 -21.69 -2.07
C ARG A 68 2.69 -22.67 -2.58
N ILE A 69 1.45 -22.22 -2.69
CA ILE A 69 0.38 -23.11 -3.06
C ILE A 69 -0.08 -23.05 -4.49
N ASN A 70 0.19 -21.94 -5.18
CA ASN A 70 -0.25 -21.81 -6.55
C ASN A 70 0.88 -21.99 -7.51
N ASP A 71 0.59 -22.58 -8.65
CA ASP A 71 1.58 -22.72 -9.68
C ASP A 71 1.42 -21.63 -10.74
N ASN A 72 2.53 -21.35 -11.42
CA ASN A 72 2.61 -20.37 -12.49
C ASN A 72 1.78 -20.78 -13.68
N LYS A 73 1.32 -19.81 -14.43
CA LYS A 73 0.52 -20.06 -15.60
C LYS A 73 0.91 -19.02 -16.67
N VAL A 74 0.91 -19.41 -17.94
CA VAL A 74 1.23 -18.46 -18.97
C VAL A 74 0.06 -17.51 -19.12
N MET A 75 0.38 -16.23 -19.18
CA MET A 75 -0.65 -15.20 -19.34
C MET A 75 -0.35 -14.52 -20.64
N ASP A 76 -1.35 -14.44 -21.48
CA ASP A 76 -1.11 -13.88 -22.77
C ASP A 76 -1.28 -12.41 -22.80
N GLY A 77 -0.17 -11.73 -23.03
CA GLY A 77 -0.16 -10.28 -23.22
C GLY A 77 -0.52 -10.23 -24.70
N ALA A 78 -0.28 -9.13 -25.37
CA ALA A 78 -0.65 -9.16 -26.78
C ALA A 78 0.59 -9.41 -27.62
N GLU A 79 1.58 -8.53 -27.49
CA GLU A 79 2.84 -8.65 -28.20
C GLU A 79 3.79 -9.61 -27.44
N THR A 80 3.47 -9.84 -26.18
CA THR A 80 4.34 -10.64 -25.37
C THR A 80 3.56 -11.58 -24.45
N ARG A 81 4.29 -12.29 -23.58
CA ARG A 81 3.68 -13.24 -22.67
C ARG A 81 4.32 -13.15 -21.32
N TYR A 82 3.55 -13.53 -20.29
CA TYR A 82 4.03 -13.48 -18.92
C TYR A 82 3.85 -14.85 -18.35
N TYR A 83 4.45 -15.08 -17.19
CA TYR A 83 4.41 -16.40 -16.53
C TYR A 83 4.42 -16.12 -15.04
N ASP A 84 3.26 -16.17 -14.40
CA ASP A 84 3.19 -15.83 -12.98
C ASP A 84 2.05 -16.58 -12.30
N LYS A 85 2.00 -16.50 -11.00
CA LYS A 85 1.02 -17.27 -10.27
C LYS A 85 -0.11 -16.47 -9.54
N VAL A 86 -0.20 -15.16 -9.77
CA VAL A 86 -1.27 -14.37 -9.15
C VAL A 86 -2.09 -13.82 -10.29
N PRO A 87 -3.38 -14.14 -10.30
CA PRO A 87 -4.26 -13.65 -11.34
C PRO A 87 -4.43 -12.15 -11.30
N MET A 88 -4.86 -11.64 -12.42
CA MET A 88 -5.16 -10.21 -12.58
C MET A 88 -6.57 -9.92 -12.05
N LYS A 89 -6.69 -8.95 -11.16
CA LYS A 89 -7.99 -8.66 -10.59
C LYS A 89 -9.12 -8.42 -11.59
N PHE A 90 -8.83 -7.64 -12.62
CA PHE A 90 -9.90 -7.23 -13.53
C PHE A 90 -10.13 -8.09 -14.73
N ALA A 91 -9.43 -9.21 -14.81
CA ALA A 91 -9.53 -10.03 -15.97
C ALA A 91 -10.94 -10.45 -16.31
N ASP A 92 -11.79 -10.61 -15.31
CA ASP A 92 -13.16 -11.02 -15.58
C ASP A 92 -14.26 -9.92 -15.49
N TYR A 93 -13.88 -8.68 -15.19
CA TYR A 93 -14.87 -7.61 -15.07
C TYR A 93 -15.55 -7.25 -16.37
N ASP A 94 -16.83 -6.93 -16.29
CA ASP A 94 -17.57 -6.45 -17.46
C ASP A 94 -17.95 -4.99 -17.18
N GLU A 95 -18.61 -4.35 -18.12
CA GLU A 95 -18.97 -2.95 -17.87
C GLU A 95 -19.89 -2.78 -16.66
N ALA A 96 -20.81 -3.73 -16.52
CA ALA A 96 -21.76 -3.66 -15.42
C ALA A 96 -21.03 -3.70 -14.10
N ARG A 97 -20.06 -4.58 -13.99
CA ARG A 97 -19.30 -4.66 -12.77
C ARG A 97 -18.49 -3.38 -12.50
N PHE A 98 -17.77 -2.91 -13.51
CA PHE A 98 -16.95 -1.71 -13.35
C PHE A 98 -17.93 -0.60 -12.96
N GLN A 99 -19.04 -0.55 -13.68
CA GLN A 99 -20.03 0.46 -13.38
C GLN A 99 -20.53 0.42 -11.92
N LYS A 100 -20.72 -0.77 -11.36
CA LYS A 100 -21.14 -0.88 -9.97
C LYS A 100 -20.05 -0.57 -8.93
N GLU A 101 -18.82 -0.99 -9.23
CA GLU A 101 -17.75 -0.80 -8.28
C GLU A 101 -17.25 0.63 -8.21
N GLY A 102 -17.54 1.37 -9.28
CA GLY A 102 -17.30 2.80 -9.30
C GLY A 102 -15.94 3.46 -9.25
N PHE A 103 -14.90 2.83 -9.83
CA PHE A 103 -13.58 3.47 -9.86
C PHE A 103 -13.10 3.59 -11.33
N ARG A 104 -12.03 4.32 -11.59
CA ARG A 104 -11.58 4.46 -12.96
C ARG A 104 -10.21 3.79 -13.08
N VAL A 105 -10.03 2.98 -14.14
CA VAL A 105 -8.78 2.24 -14.33
C VAL A 105 -8.14 2.58 -15.66
N VAL A 106 -7.14 3.43 -15.60
CA VAL A 106 -6.44 3.95 -16.83
C VAL A 106 -5.37 3.00 -17.35
N PRO A 107 -5.48 2.60 -18.60
CA PRO A 107 -4.49 1.67 -19.18
C PRO A 107 -3.14 2.35 -19.25
N PRO A 108 -2.06 1.62 -18.88
CA PRO A 108 -2.17 0.20 -18.52
C PRO A 108 -2.13 -0.16 -17.03
N ALA A 109 -2.79 0.62 -16.17
CA ALA A 109 -2.80 0.32 -14.72
C ALA A 109 -3.08 -1.16 -14.52
N THR A 110 -2.43 -1.76 -13.54
CA THR A 110 -2.63 -3.20 -13.29
C THR A 110 -2.77 -3.46 -11.80
N VAL A 111 -3.71 -4.34 -11.44
CA VAL A 111 -3.94 -4.68 -10.03
C VAL A 111 -4.01 -6.17 -9.89
N ARG A 112 -3.35 -6.69 -8.88
CA ARG A 112 -3.40 -8.13 -8.63
C ARG A 112 -4.67 -8.53 -7.86
N GLN A 113 -5.13 -9.74 -8.09
CA GLN A 113 -6.26 -10.22 -7.34
C GLN A 113 -5.80 -10.32 -5.86
N GLY A 114 -6.66 -9.94 -4.92
CA GLY A 114 -6.32 -9.96 -3.49
C GLY A 114 -6.08 -8.54 -2.97
N ALA A 115 -6.29 -7.56 -3.83
CA ALA A 115 -6.10 -6.19 -3.39
C ALA A 115 -7.47 -5.55 -3.44
N PHE A 116 -7.80 -4.73 -2.48
CA PHE A 116 -9.11 -4.08 -2.50
C PHE A 116 -9.04 -2.65 -3.07
N ILE A 117 -9.88 -2.36 -4.07
CA ILE A 117 -9.92 -1.00 -4.62
C ILE A 117 -11.35 -0.42 -4.33
N ALA A 118 -11.43 0.70 -3.65
CA ALA A 118 -12.70 1.27 -3.29
C ALA A 118 -13.33 2.17 -4.36
N ARG A 119 -14.58 2.48 -4.13
CA ARG A 119 -15.39 3.34 -4.98
C ARG A 119 -14.74 4.71 -5.11
N ASN A 120 -14.94 5.35 -6.26
CA ASN A 120 -14.46 6.69 -6.43
C ASN A 120 -12.97 6.90 -6.42
N THR A 121 -12.21 5.88 -6.74
CA THR A 121 -10.76 6.05 -6.83
C THR A 121 -10.41 6.12 -8.32
N VAL A 122 -9.20 6.59 -8.60
CA VAL A 122 -8.74 6.66 -9.97
C VAL A 122 -7.35 6.03 -9.97
N LEU A 123 -7.13 4.98 -10.78
CA LEU A 123 -5.78 4.46 -10.88
C LEU A 123 -5.20 4.90 -12.16
N MET A 124 -4.26 5.84 -12.13
CA MET A 124 -3.55 6.15 -13.40
C MET A 124 -2.66 4.87 -13.63
N PRO A 125 -1.84 4.80 -14.69
CA PRO A 125 -0.98 3.62 -14.94
C PRO A 125 -0.08 3.46 -13.74
N SER A 126 -0.24 2.35 -13.07
CA SER A 126 0.42 2.14 -11.79
C SER A 126 0.27 0.66 -11.43
N TYR A 127 0.74 0.32 -10.25
CA TYR A 127 0.69 -1.05 -9.79
C TYR A 127 0.17 -1.16 -8.38
N VAL A 128 -0.81 -2.04 -8.18
CA VAL A 128 -1.33 -2.29 -6.83
C VAL A 128 -1.15 -3.79 -6.56
N ASN A 129 -0.32 -4.12 -5.58
CA ASN A 129 0.03 -5.50 -5.29
C ASN A 129 -0.96 -6.20 -4.31
N ILE A 130 -0.88 -7.51 -4.30
CA ILE A 130 -1.76 -8.35 -3.48
C ILE A 130 -1.85 -7.93 -2.03
N GLY A 131 -3.05 -7.95 -1.47
CA GLY A 131 -3.21 -7.61 -0.04
C GLY A 131 -3.35 -6.14 0.24
N ALA A 132 -3.14 -5.29 -0.74
CA ALA A 132 -3.24 -3.87 -0.48
C ALA A 132 -4.70 -3.41 -0.36
N TYR A 133 -4.90 -2.26 0.24
CA TYR A 133 -6.26 -1.75 0.39
C TYR A 133 -6.21 -0.28 0.01
N VAL A 134 -6.96 0.13 -1.02
CA VAL A 134 -6.95 1.55 -1.44
C VAL A 134 -8.33 2.16 -1.22
N ASP A 135 -8.44 3.04 -0.25
CA ASP A 135 -9.74 3.59 0.13
C ASP A 135 -10.34 4.70 -0.78
N GLU A 136 -11.61 5.01 -0.54
CA GLU A 136 -12.39 5.97 -1.36
C GLU A 136 -11.77 7.31 -1.70
N GLY A 137 -11.95 7.73 -2.95
CA GLY A 137 -11.48 9.04 -3.38
C GLY A 137 -10.01 9.18 -3.76
N THR A 138 -9.22 8.18 -3.45
CA THR A 138 -7.80 8.26 -3.70
C THR A 138 -7.40 8.17 -5.18
N MET A 139 -6.34 8.87 -5.52
CA MET A 139 -5.77 8.75 -6.86
C MET A 139 -4.35 8.22 -6.74
N VAL A 140 -4.04 7.23 -7.56
CA VAL A 140 -2.70 6.63 -7.61
C VAL A 140 -2.21 7.11 -8.96
N ASP A 141 -1.33 8.11 -8.92
CA ASP A 141 -0.83 8.75 -10.14
C ASP A 141 0.19 7.86 -10.89
N THR A 142 0.64 8.36 -12.03
CA THR A 142 1.49 7.59 -12.93
C THR A 142 2.76 6.98 -12.42
N TRP A 143 2.89 5.66 -12.63
CA TRP A 143 4.04 4.88 -12.19
C TRP A 143 4.23 4.86 -10.68
N ALA A 144 3.14 5.07 -9.97
CA ALA A 144 3.21 4.97 -8.51
C ALA A 144 3.06 3.47 -8.19
N THR A 145 3.41 3.06 -6.99
CA THR A 145 3.24 1.67 -6.64
C THR A 145 2.66 1.52 -5.22
N VAL A 146 1.65 0.64 -5.07
CA VAL A 146 1.09 0.38 -3.75
C VAL A 146 1.55 -1.03 -3.45
N GLY A 147 2.54 -1.11 -2.59
CA GLY A 147 3.17 -2.39 -2.23
C GLY A 147 2.25 -3.39 -1.57
N SER A 148 2.70 -4.63 -1.45
CA SER A 148 1.85 -5.70 -0.90
C SER A 148 1.36 -5.32 0.49
N CYS A 149 0.07 -5.53 0.75
CA CYS A 149 -0.50 -5.30 2.08
C CYS A 149 -0.53 -3.89 2.58
N ALA A 150 -0.07 -2.94 1.77
CA ALA A 150 -0.08 -1.53 2.19
C ALA A 150 -1.55 -1.02 2.37
N GLN A 151 -1.74 -0.08 3.28
CA GLN A 151 -3.10 0.47 3.58
C GLN A 151 -3.10 1.96 3.22
N ILE A 152 -3.95 2.34 2.28
CA ILE A 152 -4.02 3.74 1.83
C ILE A 152 -5.38 4.27 2.22
N GLY A 153 -5.39 5.42 2.87
CA GLY A 153 -6.65 6.05 3.36
C GLY A 153 -7.53 6.65 2.28
N LYS A 154 -8.61 7.33 2.70
CA LYS A 154 -9.53 7.98 1.76
C LYS A 154 -8.96 9.30 1.28
N ASN A 155 -9.35 9.72 0.07
CA ASN A 155 -8.89 11.01 -0.45
C ASN A 155 -7.43 11.27 -0.35
N VAL A 156 -6.63 10.30 -0.71
CA VAL A 156 -5.18 10.48 -0.64
C VAL A 156 -4.70 10.70 -2.08
N HIS A 157 -3.66 11.51 -2.25
CA HIS A 157 -3.10 11.66 -3.57
C HIS A 157 -1.66 11.12 -3.54
N LEU A 158 -1.44 10.01 -4.22
CA LEU A 158 -0.10 9.44 -4.36
C LEU A 158 0.42 9.94 -5.72
N SER A 159 1.38 10.85 -5.66
CA SER A 159 1.93 11.45 -6.86
C SER A 159 2.67 10.51 -7.77
N GLY A 160 3.08 11.04 -8.93
CA GLY A 160 3.81 10.23 -9.94
C GLY A 160 5.07 9.60 -9.36
N GLY A 161 5.29 8.34 -9.70
CA GLY A 161 6.52 7.65 -9.30
C GLY A 161 6.70 7.45 -7.80
N VAL A 162 5.64 7.56 -7.02
CA VAL A 162 5.74 7.39 -5.59
C VAL A 162 5.69 5.90 -5.25
N GLY A 163 6.45 5.49 -4.27
CA GLY A 163 6.41 4.09 -3.85
C GLY A 163 6.01 3.93 -2.37
N ILE A 164 5.02 3.08 -2.14
CA ILE A 164 4.61 2.77 -0.76
C ILE A 164 5.08 1.32 -0.49
N GLY A 165 5.96 1.14 0.49
CA GLY A 165 6.58 -0.18 0.70
C GLY A 165 5.65 -1.36 0.92
N GLY A 166 6.09 -2.54 0.45
CA GLY A 166 5.34 -3.80 0.63
C GLY A 166 5.85 -4.57 1.88
N VAL A 167 5.52 -5.84 1.96
CA VAL A 167 5.96 -6.61 3.11
C VAL A 167 6.57 -7.96 2.69
N LEU A 168 6.68 -8.21 1.38
CA LEU A 168 7.16 -9.51 0.88
C LEU A 168 8.67 -9.68 0.72
N GLU A 169 9.31 -8.69 0.15
CA GLU A 169 10.79 -8.70 -0.02
C GLU A 169 11.33 -7.27 -0.16
N PRO A 170 12.16 -6.83 0.77
CA PRO A 170 12.54 -7.64 1.94
C PRO A 170 11.29 -7.88 2.82
N LEU A 171 11.33 -8.95 3.59
CA LEU A 171 10.20 -9.28 4.45
C LEU A 171 9.99 -8.26 5.57
N GLN A 172 8.75 -7.85 5.84
CA GLN A 172 8.52 -6.85 6.89
C GLN A 172 7.55 -7.30 7.93
N ALA A 173 7.74 -6.79 9.13
CA ALA A 173 6.83 -7.13 10.25
C ALA A 173 5.46 -6.56 10.00
N ASN A 174 5.43 -5.26 9.64
CA ASN A 174 4.17 -4.52 9.47
C ASN A 174 4.06 -3.84 8.14
N PRO A 175 2.82 -3.65 7.67
CA PRO A 175 2.59 -2.96 6.40
C PRO A 175 2.83 -1.49 6.52
N THR A 176 2.98 -0.82 5.39
CA THR A 176 3.16 0.63 5.43
C THR A 176 1.77 1.25 5.39
N ILE A 177 1.56 2.35 6.12
CA ILE A 177 0.21 2.93 6.20
C ILE A 177 0.16 4.43 5.90
N ILE A 178 -0.79 4.83 5.08
CA ILE A 178 -0.97 6.21 4.77
C ILE A 178 -2.41 6.52 5.16
N GLU A 179 -2.56 7.36 6.19
CA GLU A 179 -3.90 7.70 6.64
C GLU A 179 -4.64 8.63 5.67
N ASP A 180 -5.89 8.93 6.02
CA ASP A 180 -6.78 9.75 5.19
C ASP A 180 -6.22 11.13 4.88
N ASN A 181 -6.62 11.66 3.75
CA ASN A 181 -6.28 13.02 3.38
C ASN A 181 -4.84 13.41 3.28
N CYS A 182 -3.97 12.46 3.02
CA CYS A 182 -2.54 12.82 2.89
C CYS A 182 -2.21 13.11 1.45
N PHE A 183 -1.14 13.90 1.25
CA PHE A 183 -0.64 14.15 -0.12
C PHE A 183 0.80 13.65 -0.11
N ILE A 184 1.15 12.74 -1.01
CA ILE A 184 2.56 12.27 -1.05
C ILE A 184 3.15 12.76 -2.39
N GLY A 185 4.13 13.66 -2.28
CA GLY A 185 4.80 14.33 -3.42
C GLY A 185 5.58 13.39 -4.31
N ALA A 186 5.76 13.80 -5.56
CA ALA A 186 6.38 12.95 -6.58
C ALA A 186 7.71 12.33 -6.21
N ARG A 187 7.91 11.10 -6.65
CA ARG A 187 9.15 10.36 -6.41
C ARG A 187 9.53 10.06 -4.98
N SER A 188 8.63 10.25 -4.04
CA SER A 188 8.95 9.93 -2.67
C SER A 188 8.67 8.45 -2.43
N GLU A 189 9.20 7.94 -1.33
CA GLU A 189 9.04 6.56 -0.98
C GLU A 189 8.80 6.44 0.53
N VAL A 190 7.84 5.62 0.88
CA VAL A 190 7.50 5.41 2.29
C VAL A 190 7.48 3.89 2.49
N VAL A 191 8.37 3.42 3.37
CA VAL A 191 8.55 2.00 3.58
C VAL A 191 8.70 1.58 5.04
N GLU A 192 8.87 0.27 5.21
CA GLU A 192 9.19 -0.37 6.49
C GLU A 192 8.23 -0.14 7.65
N GLY A 193 6.95 -0.05 7.34
CA GLY A 193 5.96 0.11 8.39
C GLY A 193 5.82 1.52 8.94
N VAL A 194 6.35 2.51 8.24
CA VAL A 194 6.20 3.89 8.69
C VAL A 194 4.72 4.25 8.53
N ILE A 195 4.22 5.04 9.46
CA ILE A 195 2.82 5.51 9.40
C ILE A 195 2.80 7.04 9.16
N VAL A 196 2.17 7.44 8.07
CA VAL A 196 2.00 8.87 7.75
C VAL A 196 0.61 9.25 8.20
N GLU A 197 0.55 10.00 9.32
CA GLU A 197 -0.73 10.39 9.91
C GLU A 197 -1.58 11.37 9.08
N GLU A 198 -2.88 11.27 9.27
CA GLU A 198 -3.81 12.02 8.48
C GLU A 198 -3.56 13.51 8.24
N GLY A 199 -3.87 13.92 7.03
CA GLY A 199 -3.73 15.31 6.65
C GLY A 199 -2.33 15.79 6.48
N SER A 200 -1.36 14.88 6.40
CA SER A 200 0.03 15.29 6.23
C SER A 200 0.36 15.54 4.77
N VAL A 201 1.38 16.38 4.51
CA VAL A 201 1.80 16.67 3.15
C VAL A 201 3.24 16.37 3.05
N ILE A 202 3.58 15.35 2.24
CA ILE A 202 4.98 14.97 2.04
C ILE A 202 5.43 15.56 0.70
N SER A 203 6.49 16.34 0.71
CA SER A 203 6.96 16.98 -0.49
C SER A 203 7.59 15.98 -1.46
N MET A 204 8.15 16.49 -2.56
CA MET A 204 8.79 15.62 -3.54
C MET A 204 10.12 15.07 -3.05
N GLY A 205 10.48 13.89 -3.51
CA GLY A 205 11.79 13.33 -3.20
C GLY A 205 12.11 13.21 -1.74
N VAL A 206 11.14 12.75 -0.97
CA VAL A 206 11.32 12.49 0.46
C VAL A 206 11.32 10.98 0.64
N TYR A 207 12.31 10.48 1.38
CA TYR A 207 12.48 9.04 1.58
C TYR A 207 12.37 8.72 3.05
N LEU A 208 11.34 7.99 3.40
CA LEU A 208 11.09 7.63 4.80
C LEU A 208 11.11 6.12 5.05
N GLY A 209 12.02 5.70 5.91
CA GLY A 209 12.13 4.30 6.36
C GLY A 209 12.31 4.36 7.91
N GLN A 210 12.44 3.22 8.56
CA GLN A 210 12.56 3.24 10.00
C GLN A 210 13.82 3.95 10.48
N SER A 211 14.84 4.00 9.67
CA SER A 211 16.06 4.64 10.10
C SER A 211 16.05 6.14 9.85
N THR A 212 15.04 6.65 9.15
CA THR A 212 15.02 8.08 8.81
C THR A 212 14.68 9.02 9.97
N ARG A 213 15.52 10.01 10.20
CA ARG A 213 15.26 11.00 11.20
C ARG A 213 14.26 11.98 10.62
N ILE A 214 13.14 12.17 11.32
CA ILE A 214 12.11 13.14 10.91
C ILE A 214 12.23 14.29 11.94
N TYR A 215 12.95 15.32 11.57
CA TYR A 215 13.28 16.40 12.46
C TYR A 215 12.28 17.53 12.50
N ASP A 216 11.83 17.88 13.69
CA ASP A 216 10.89 18.97 13.83
C ASP A 216 11.68 20.19 14.21
N ARG A 217 11.97 21.05 13.25
CA ARG A 217 12.79 22.23 13.49
C ARG A 217 12.26 23.15 14.60
N GLU A 218 10.94 23.14 14.81
CA GLU A 218 10.33 23.97 15.82
C GLU A 218 10.63 23.45 17.21
N THR A 219 10.34 22.17 17.46
CA THR A 219 10.54 21.61 18.79
C THR A 219 11.88 20.96 19.02
N GLY A 220 12.59 20.64 17.94
CA GLY A 220 13.87 19.96 18.07
C GLY A 220 13.60 18.46 18.27
N GLU A 221 12.31 18.10 18.29
CA GLU A 221 11.95 16.73 18.45
C GLU A 221 12.29 15.94 17.16
N ILE A 222 12.84 14.73 17.34
CA ILE A 222 13.22 13.85 16.22
C ILE A 222 12.36 12.62 16.26
N HIS A 223 11.60 12.40 15.21
CA HIS A 223 10.73 11.22 15.16
C HIS A 223 11.32 10.13 14.35
N TYR A 224 10.79 8.94 14.59
CA TYR A 224 11.16 7.76 13.87
C TYR A 224 9.89 6.92 13.70
N GLY A 225 9.60 6.53 12.48
CA GLY A 225 8.48 5.65 12.25
C GLY A 225 7.17 6.28 11.96
N ARG A 226 7.07 7.59 12.06
CA ARG A 226 5.76 8.17 11.78
C ARG A 226 5.78 9.63 11.60
N VAL A 227 4.83 10.10 10.82
CA VAL A 227 4.71 11.50 10.53
C VAL A 227 3.44 11.97 11.26
N PRO A 228 3.62 12.83 12.26
CA PRO A 228 2.50 13.34 13.06
C PRO A 228 1.43 14.01 12.17
N ALA A 229 0.18 13.80 12.50
CA ALA A 229 -0.90 14.35 11.70
C ALA A 229 -0.71 15.83 11.32
N GLY A 230 -1.09 16.21 10.12
CA GLY A 230 -1.01 17.61 9.70
C GLY A 230 0.36 18.25 9.44
N SER A 231 1.44 17.46 9.31
CA SER A 231 2.77 18.01 9.00
C SER A 231 3.05 18.22 7.51
N VAL A 232 3.96 19.14 7.25
CA VAL A 232 4.46 19.37 5.91
C VAL A 232 5.92 18.98 6.05
N VAL A 233 6.30 17.95 5.30
CA VAL A 233 7.65 17.41 5.40
C VAL A 233 8.43 17.64 4.12
N VAL A 234 9.70 18.01 4.25
CA VAL A 234 10.52 18.16 3.04
C VAL A 234 11.88 17.58 3.32
N SER A 235 12.67 17.40 2.25
CA SER A 235 14.03 16.85 2.37
C SER A 235 15.03 17.85 2.96
N GLY A 236 15.96 17.35 3.74
CA GLY A 236 17.02 18.17 4.27
C GLY A 236 18.18 17.30 4.67
N ASN A 237 19.03 17.85 5.53
CA ASN A 237 20.18 17.13 6.02
C ASN A 237 20.46 17.61 7.44
N LEU A 238 21.18 16.79 8.20
CA LEU A 238 21.65 17.18 9.54
C LEU A 238 23.19 17.03 9.52
N PRO A 239 23.90 18.03 10.07
CA PRO A 239 25.38 18.02 10.05
C PRO A 239 25.97 16.99 10.96
N SER A 240 27.15 16.49 10.62
CA SER A 240 27.82 15.50 11.48
C SER A 240 28.35 16.33 12.66
N LYS A 241 28.91 15.65 13.65
CA LYS A 241 29.47 16.35 14.79
C LYS A 241 30.66 17.31 14.42
N ASP A 242 31.51 16.91 13.47
CA ASP A 242 32.64 17.75 13.06
C ASP A 242 32.28 18.74 11.96
N GLY A 243 31.05 18.71 11.46
CA GLY A 243 30.59 19.63 10.40
C GLY A 243 31.29 19.30 9.09
N SER A 244 31.98 18.16 9.10
CA SER A 244 32.71 17.63 7.98
C SER A 244 31.79 17.21 6.79
N TYR A 245 30.58 16.75 7.12
CA TYR A 245 29.61 16.35 6.11
C TYR A 245 28.25 16.36 6.76
N SER A 246 27.21 16.10 5.96
CA SER A 246 25.88 16.04 6.49
C SER A 246 25.15 14.85 5.86
N LEU A 247 24.13 14.36 6.56
CA LEU A 247 23.38 13.20 6.09
C LEU A 247 21.92 13.49 5.93
N TYR A 248 21.32 12.81 4.97
CA TYR A 248 19.94 13.02 4.65
C TYR A 248 18.98 12.93 5.85
N CYS A 249 17.92 13.73 5.83
CA CYS A 249 16.85 13.57 6.82
C CYS A 249 15.62 14.23 6.27
N ALA A 250 14.50 13.99 6.93
CA ALA A 250 13.23 14.62 6.56
C ALA A 250 13.00 15.71 7.61
N VAL A 251 12.55 16.88 7.18
CA VAL A 251 12.29 18.00 8.11
C VAL A 251 10.81 18.42 8.07
N ILE A 252 10.20 18.51 9.27
CA ILE A 252 8.83 18.98 9.40
C ILE A 252 9.02 20.48 9.46
N VAL A 253 8.68 21.17 8.37
CA VAL A 253 8.92 22.64 8.27
C VAL A 253 7.77 23.46 8.80
N LYS A 254 6.57 22.87 8.88
CA LYS A 254 5.39 23.62 9.32
C LYS A 254 4.15 22.74 9.33
N LYS A 255 3.04 23.30 9.80
CA LYS A 255 1.79 22.57 9.83
C LYS A 255 0.98 23.01 8.66
N VAL A 256 0.27 22.09 8.06
CA VAL A 256 -0.54 22.40 6.87
C VAL A 256 -1.42 23.64 7.06
N ASP A 257 -1.35 24.58 6.13
CA ASP A 257 -2.15 25.80 6.19
C ASP A 257 -2.82 26.02 4.83
N ALA A 258 -3.43 27.19 4.66
CA ALA A 258 -4.15 27.49 3.42
C ALA A 258 -3.25 27.54 2.24
N LYS A 259 -2.07 28.10 2.44
CA LYS A 259 -1.12 28.20 1.33
C LYS A 259 -0.78 26.76 0.85
N THR A 260 -0.58 25.84 1.79
CA THR A 260 -0.29 24.45 1.43
C THR A 260 -1.46 23.79 0.70
N ARG A 261 -2.65 23.87 1.29
CA ARG A 261 -3.85 23.30 0.68
C ARG A 261 -4.05 23.77 -0.77
N GLY A 262 -3.56 24.98 -1.06
CA GLY A 262 -3.70 25.56 -2.38
C GLY A 262 -2.95 24.79 -3.45
N LYS A 263 -1.96 24.02 -3.03
CA LYS A 263 -1.13 23.30 -3.97
C LYS A 263 -1.34 21.83 -3.99
N VAL A 264 -2.15 21.31 -3.09
CA VAL A 264 -2.26 19.86 -3.07
C VAL A 264 -3.65 19.31 -3.09
N GLY A 265 -4.61 20.15 -3.45
CA GLY A 265 -5.99 19.71 -3.48
C GLY A 265 -6.39 18.67 -4.54
N ILE A 266 -7.34 17.81 -4.15
CA ILE A 266 -7.89 16.80 -5.02
C ILE A 266 -8.85 17.50 -6.01
N ASN A 267 -8.92 17.01 -7.23
CA ASN A 267 -9.80 17.57 -8.24
C ASN A 267 -11.06 16.68 -8.34
N GLU A 268 -12.16 17.12 -7.73
CA GLU A 268 -13.43 16.34 -7.75
C GLU A 268 -14.00 16.16 -9.11
N LEU A 269 -13.62 17.01 -10.04
CA LEU A 269 -14.17 16.88 -11.37
C LEU A 269 -13.70 15.60 -12.01
N LEU A 270 -12.58 15.06 -11.51
CA LEU A 270 -12.05 13.82 -12.09
C LEU A 270 -12.62 12.57 -11.41
N ARG A 271 -13.37 12.75 -10.33
CA ARG A 271 -13.88 11.57 -9.61
C ARG A 271 -15.13 11.00 -10.26
N THR A 272 -15.72 9.96 -9.67
CA THR A 272 -16.91 9.33 -10.25
C THR A 272 -18.13 10.26 -10.35
N ILE A 273 -18.74 10.23 -11.52
CA ILE A 273 -19.88 11.09 -11.79
C ILE A 273 -21.14 10.33 -11.43
N ASP A 274 -21.72 10.66 -10.27
CA ASP A 274 -22.89 9.95 -9.77
C ASP A 274 -24.17 10.20 -10.56
#